data_2VK6
#
_entry.id   2VK6
#
_cell.length_a   69.370
_cell.length_b   71.046
_cell.length_c   98.900
_cell.angle_alpha   90.00
_cell.angle_beta   90.00
_cell.angle_gamma   90.00
#
_symmetry.space_group_name_H-M   'P 21 21 21'
#
loop_
_entity.id
_entity.type
_entity.pdbx_description
1 polymer EXO-ALPHA-SIALIDASE
2 non-polymer 'CALCIUM ION'
3 non-polymer '2-DEOXY-2,3-DEHYDRO-N-ACETYL-NEURAMINIC ACID'
4 non-polymer 'MAGNESIUM ION'
5 non-polymer 'TETRAETHYLENE GLYCOL'
6 water water
#
_entity_poly.entity_id   1
_entity_poly.type   'polypeptide(L)'
_entity_poly.pdbx_seq_one_letter_code
;VEGAVKTEPVDLFHPGFLNSSNYRIPALFKTKEGTLIASIDARRHGGADAPNNDIDTAVRRSEDGGKTWDEGQIIMDYPD
KSSVIDTTLIQDDETGRIFLLVTHFPSKYGFWNAGLGSGFKNIDGKEYLCLYDSSGKEFTVRENVVYDKDSNKTEYTTNA
LGDLFKNGTKIDNINSSTAPLKAKGTSYINLVYSDDDGKTWSEPQNINFQVKKDWMKFLGIAPGRGIQIKNGEHKGRIVV
PVYYTNEKGKQSSAVIYSDDSGKNWTIGESPNDNRKLENGKIINSKTLSDDAPQLTECQVVEMPNGQLKLFMRNLSGYLN
IATSFDGGATWDETVEKDTNVLEPYCQLSVINYSQKVDGKDAVIFSNPNARSRSNGTVRIGLINQVGTYENGEPKYEFDW
KYNKLVKPGYYAYSCLTELSNGNIGLLYEGTPSEEMSYIEMNLKYLESGANK
;
_entity_poly.pdbx_strand_id   A
#
# COMPACT_ATOMS: atom_id res chain seq x y z
N VAL A 1 30.37 -10.78 -12.37
CA VAL A 1 30.80 -10.93 -13.82
C VAL A 1 31.07 -9.55 -14.45
N GLU A 2 31.91 -9.48 -15.51
CA GLU A 2 32.23 -8.19 -16.11
C GLU A 2 30.94 -7.62 -16.68
N GLY A 3 30.67 -6.35 -16.36
CA GLY A 3 29.44 -5.70 -16.83
C GLY A 3 28.30 -5.73 -15.81
N ALA A 4 28.34 -6.65 -14.85
CA ALA A 4 27.29 -6.72 -13.83
C ALA A 4 27.33 -5.48 -12.97
N VAL A 5 26.16 -5.02 -12.56
CA VAL A 5 26.09 -3.81 -11.73
C VAL A 5 25.23 -4.18 -10.55
N LYS A 6 25.80 -3.96 -9.36
CA LYS A 6 25.03 -3.91 -8.14
C LYS A 6 25.70 -2.86 -7.30
N THR A 7 25.06 -1.72 -7.18
CA THR A 7 25.75 -0.61 -6.49
C THR A 7 25.89 -0.88 -4.97
N GLU A 8 26.90 -0.27 -4.35
CA GLU A 8 27.03 -0.45 -2.91
C GLU A 8 25.86 0.26 -2.25
N PRO A 9 25.26 -0.36 -1.23
CA PRO A 9 24.04 0.28 -0.66
C PRO A 9 24.30 1.68 -0.14
N VAL A 10 23.35 2.56 -0.40
CA VAL A 10 23.29 3.91 0.19
C VAL A 10 22.17 3.93 1.23
N ASP A 11 22.42 4.53 2.39
CA ASP A 11 21.37 4.71 3.41
C ASP A 11 20.47 5.89 3.02
N LEU A 12 19.41 5.58 2.27
CA LEU A 12 18.53 6.61 1.76
C LEU A 12 17.71 7.27 2.88
N PHE A 13 17.40 6.49 3.91
CA PHE A 13 16.80 7.07 5.15
C PHE A 13 17.60 6.42 6.24
N HIS A 14 17.77 7.15 7.34
CA HIS A 14 18.63 6.66 8.42
C HIS A 14 18.36 7.53 9.63
N PRO A 15 18.73 7.00 10.83
CA PRO A 15 18.50 7.81 12.05
C PRO A 15 19.13 9.20 11.92
N GLY A 16 18.37 10.22 12.30
CA GLY A 16 18.83 11.58 12.14
C GLY A 16 18.38 12.30 10.87
N PHE A 17 18.09 11.56 9.79
CA PHE A 17 17.61 12.20 8.58
C PHE A 17 16.24 12.82 8.87
N LEU A 18 16.05 14.11 8.52
CA LEU A 18 14.83 14.85 8.92
C LEU A 18 14.53 14.77 10.42
N ASN A 19 15.59 14.55 11.24
CA ASN A 19 15.47 14.46 12.70
CA ASN A 19 15.43 14.52 12.69
C ASN A 19 14.51 13.36 13.14
N SER A 20 14.44 12.28 12.36
CA SER A 20 13.69 11.09 12.79
C SER A 20 14.64 10.01 13.24
N SER A 21 14.36 9.44 14.39
CA SER A 21 15.24 8.43 14.95
C SER A 21 15.15 7.07 14.23
N ASN A 22 13.99 6.81 13.62
CA ASN A 22 13.70 5.50 13.01
C ASN A 22 12.92 5.70 11.69
N TYR A 23 13.02 4.66 10.86
CA TYR A 23 12.38 4.63 9.54
C TYR A 23 11.95 3.22 9.26
N ARG A 24 10.83 3.08 8.55
CA ARG A 24 10.42 1.73 8.05
C ARG A 24 9.48 1.94 6.87
N ILE A 25 9.29 0.86 6.10
CA ILE A 25 8.21 0.71 5.14
C ILE A 25 8.48 1.50 3.88
N PRO A 26 9.36 0.98 3.04
CA PRO A 26 9.72 1.67 1.80
C PRO A 26 8.71 1.57 0.67
N ALA A 27 8.62 2.68 -0.07
CA ALA A 27 7.92 2.73 -1.35
C ALA A 27 8.85 3.45 -2.35
N LEU A 28 8.85 2.97 -3.58
CA LEU A 28 9.79 3.44 -4.58
C LEU A 28 9.13 3.42 -5.93
N PHE A 29 9.18 4.55 -6.64
CA PHE A 29 8.47 4.64 -7.90
C PHE A 29 9.21 5.56 -8.88
N LYS A 30 9.26 5.22 -10.17
CA LYS A 30 9.81 6.14 -11.21
C LYS A 30 8.66 6.80 -11.96
N THR A 31 8.64 8.13 -11.94
CA THR A 31 7.57 8.86 -12.61
C THR A 31 7.76 8.88 -14.12
N LYS A 32 6.71 9.34 -14.79
CA LYS A 32 6.67 9.53 -16.24
C LYS A 32 7.80 10.41 -16.75
N GLU A 33 8.15 11.41 -15.95
CA GLU A 33 9.23 12.31 -16.34
CA GLU A 33 9.23 12.36 -16.24
C GLU A 33 10.61 11.80 -15.96
N GLY A 34 10.69 10.59 -15.37
CA GLY A 34 11.98 9.93 -15.05
C GLY A 34 12.50 10.18 -13.64
N THR A 35 11.71 10.89 -12.83
CA THR A 35 12.12 11.18 -11.44
C THR A 35 11.90 9.96 -10.55
N LEU A 36 12.84 9.69 -9.65
CA LEU A 36 12.57 8.63 -8.64
C LEU A 36 11.99 9.29 -7.39
N ILE A 37 10.91 8.73 -6.89
CA ILE A 37 10.30 9.12 -5.63
C ILE A 37 10.41 7.97 -4.67
N ALA A 38 10.93 8.27 -3.47
CA ALA A 38 11.01 7.26 -2.41
C ALA A 38 10.21 7.83 -1.24
N SER A 39 9.30 7.02 -0.74
CA SER A 39 8.56 7.38 0.49
CA SER A 39 8.50 7.35 0.45
C SER A 39 8.76 6.34 1.58
N ILE A 40 8.48 6.76 2.80
CA ILE A 40 8.88 5.98 3.93
C ILE A 40 8.08 6.50 5.14
N ASP A 41 7.96 5.65 6.15
CA ASP A 41 7.47 6.12 7.46
C ASP A 41 8.68 6.69 8.23
N ALA A 42 8.57 7.96 8.64
CA ALA A 42 9.48 8.52 9.62
C ALA A 42 8.89 8.20 11.00
N ARG A 43 9.44 7.18 11.64
CA ARG A 43 8.91 6.69 12.93
C ARG A 43 9.68 7.39 14.05
N ARG A 44 8.99 8.27 14.78
CA ARG A 44 9.73 9.26 15.57
CA ARG A 44 9.67 9.28 15.58
C ARG A 44 10.08 8.78 16.96
N HIS A 45 9.42 7.73 17.44
CA HIS A 45 9.66 7.25 18.81
C HIS A 45 9.98 5.80 18.83
N GLY A 46 10.99 5.40 18.05
CA GLY A 46 11.33 3.99 17.92
C GLY A 46 10.73 3.37 16.67
N GLY A 47 10.76 2.03 16.60
CA GLY A 47 10.33 1.39 15.36
C GLY A 47 8.93 0.81 15.37
N ALA A 48 8.18 0.91 16.49
CA ALA A 48 6.92 0.19 16.58
C ALA A 48 5.82 0.69 15.66
N ASP A 49 4.86 -0.18 15.36
CA ASP A 49 3.66 0.26 14.65
CA ASP A 49 3.67 0.23 14.63
C ASP A 49 2.76 1.10 15.53
N ALA A 50 1.82 1.78 14.92
CA ALA A 50 0.75 2.46 15.70
C ALA A 50 0.02 1.38 16.49
N PRO A 51 -0.45 1.73 17.72
CA PRO A 51 -0.47 3.04 18.31
C PRO A 51 0.75 3.43 19.14
N ASN A 52 1.78 2.58 19.18
CA ASN A 52 2.95 2.80 20.05
C ASN A 52 4.03 3.64 19.39
N ASN A 53 3.60 4.74 18.78
CA ASN A 53 4.55 5.60 18.08
C ASN A 53 3.89 6.90 17.67
N ASP A 54 4.70 7.74 17.03
CA ASP A 54 4.20 8.95 16.33
C ASP A 54 4.92 8.92 14.99
N ILE A 55 4.16 8.61 13.95
CA ILE A 55 4.76 8.32 12.64
C ILE A 55 4.25 9.34 11.62
N ASP A 56 5.23 9.89 10.89
CA ASP A 56 5.00 10.89 9.82
C ASP A 56 5.44 10.27 8.49
N THR A 57 4.99 10.85 7.38
CA THR A 57 5.41 10.33 6.06
C THR A 57 6.49 11.25 5.50
N ALA A 58 7.57 10.66 5.00
CA ALA A 58 8.70 11.43 4.42
C ALA A 58 8.90 10.99 2.98
N VAL A 59 9.35 11.94 2.14
CA VAL A 59 9.63 11.66 0.71
C VAL A 59 11.00 12.21 0.34
N ARG A 60 11.78 11.44 -0.44
CA ARG A 60 12.95 11.96 -1.14
C ARG A 60 12.79 11.78 -2.64
N ARG A 61 13.41 12.68 -3.42
CA ARG A 61 13.35 12.67 -4.87
C ARG A 61 14.74 12.58 -5.45
N SER A 62 14.86 11.89 -6.58
CA SER A 62 16.10 11.91 -7.37
C SER A 62 15.75 12.28 -8.81
N GLU A 63 16.41 13.33 -9.35
CA GLU A 63 16.23 13.67 -10.78
C GLU A 63 17.36 13.16 -11.67
N ASP A 64 18.26 12.34 -11.15
CA ASP A 64 19.38 11.80 -11.96
C ASP A 64 19.49 10.28 -11.94
N GLY A 65 18.34 9.62 -11.88
CA GLY A 65 18.28 8.19 -11.93
C GLY A 65 18.77 7.51 -10.66
N GLY A 66 18.70 8.18 -9.51
CA GLY A 66 19.07 7.53 -8.25
C GLY A 66 20.49 7.75 -7.78
N LYS A 67 21.25 8.54 -8.53
CA LYS A 67 22.66 8.79 -8.17
C LYS A 67 22.76 9.82 -7.07
N THR A 68 21.91 10.82 -7.13
CA THR A 68 21.82 11.78 -6.05
C THR A 68 20.37 12.05 -5.63
N TRP A 69 20.20 12.37 -4.35
CA TRP A 69 18.85 12.58 -3.85
C TRP A 69 18.71 13.91 -3.13
N ASP A 70 17.48 14.44 -3.11
CA ASP A 70 17.21 15.72 -2.45
C ASP A 70 17.23 15.60 -0.93
N GLU A 71 16.99 16.73 -0.26
CA GLU A 71 17.13 16.76 1.19
C GLU A 71 15.90 16.20 1.93
N GLY A 72 14.88 15.82 1.15
CA GLY A 72 13.73 15.17 1.77
C GLY A 72 12.71 16.16 2.34
N GLN A 73 11.48 15.71 2.50
CA GLN A 73 10.43 16.55 3.10
C GLN A 73 9.44 15.64 3.87
N ILE A 74 8.87 16.15 4.94
CA ILE A 74 7.76 15.50 5.61
C ILE A 74 6.50 16.00 4.98
N ILE A 75 5.64 15.09 4.50
CA ILE A 75 4.46 15.50 3.76
C ILE A 75 3.13 15.25 4.49
N MET A 76 3.17 14.44 5.56
CA MET A 76 2.00 14.32 6.42
C MET A 76 2.49 14.09 7.84
N ASP A 77 1.89 14.82 8.79
CA ASP A 77 2.32 14.85 10.20
C ASP A 77 1.07 15.21 11.01
N TYR A 78 0.62 14.27 11.84
CA TYR A 78 -0.49 14.56 12.76
C TYR A 78 0.10 14.62 14.18
N PRO A 79 -0.61 15.32 15.08
CA PRO A 79 -0.07 15.50 16.43
C PRO A 79 -0.34 14.35 17.40
N ASP A 80 0.41 14.35 18.53
CA ASP A 80 0.01 13.58 19.73
C ASP A 80 -0.18 12.12 19.45
N LYS A 81 0.78 11.54 18.71
CA LYS A 81 0.82 10.08 18.50
C LYS A 81 -0.32 9.58 17.57
N SER A 82 -0.98 10.51 16.86
CA SER A 82 -1.76 10.08 15.68
C SER A 82 -0.75 9.82 14.55
N SER A 83 -0.86 8.67 13.89
CA SER A 83 0.18 8.25 12.94
C SER A 83 -0.39 8.07 11.52
N VAL A 84 0.49 8.31 10.53
CA VAL A 84 0.29 7.83 9.16
C VAL A 84 1.33 6.72 8.96
N ILE A 85 0.83 5.57 8.52
CA ILE A 85 1.63 4.32 8.49
C ILE A 85 1.29 3.58 7.22
N ASP A 86 2.36 3.16 6.52
CA ASP A 86 2.29 2.29 5.34
C ASP A 86 1.86 3.04 4.06
N THR A 87 2.86 3.45 3.29
CA THR A 87 2.56 4.25 2.07
C THR A 87 2.68 3.42 0.81
N THR A 88 2.00 3.95 -0.23
CA THR A 88 2.09 3.37 -1.53
C THR A 88 2.10 4.47 -2.56
N LEU A 89 2.81 4.21 -3.68
CA LEU A 89 2.93 5.26 -4.76
C LEU A 89 2.36 4.73 -6.08
N ILE A 90 1.73 5.62 -6.84
CA ILE A 90 1.26 5.26 -8.23
C ILE A 90 1.05 6.58 -8.98
N GLN A 91 1.22 6.55 -10.28
CA GLN A 91 0.97 7.79 -11.07
C GLN A 91 -0.06 7.47 -12.12
N ASP A 92 -0.87 8.45 -12.46
CA ASP A 92 -1.74 8.36 -13.59
C ASP A 92 -1.02 8.87 -14.83
N ASP A 93 -0.65 7.96 -15.74
CA ASP A 93 0.11 8.30 -16.96
CA ASP A 93 0.14 8.36 -16.90
C ASP A 93 -0.63 9.31 -17.84
N GLU A 94 -1.96 9.31 -17.77
CA GLU A 94 -2.77 10.15 -18.65
C GLU A 94 -2.72 11.63 -18.24
N THR A 95 -2.65 11.89 -16.94
CA THR A 95 -2.70 13.24 -16.42
C THR A 95 -1.40 13.72 -15.83
N GLY A 96 -0.52 12.78 -15.50
CA GLY A 96 0.78 13.08 -14.89
C GLY A 96 0.69 13.26 -13.38
N ARG A 97 -0.48 12.99 -12.79
CA ARG A 97 -0.67 13.16 -11.35
C ARG A 97 -0.08 11.95 -10.62
N ILE A 98 0.71 12.24 -9.58
CA ILE A 98 1.28 11.17 -8.73
C ILE A 98 0.46 11.12 -7.46
N PHE A 99 0.08 9.89 -7.07
CA PHE A 99 -0.64 9.63 -5.81
C PHE A 99 0.21 8.92 -4.80
N LEU A 100 0.04 9.34 -3.55
CA LEU A 100 0.62 8.64 -2.43
C LEU A 100 -0.56 8.40 -1.49
N LEU A 101 -0.80 7.14 -1.13
CA LEU A 101 -1.87 6.84 -0.18
C LEU A 101 -1.22 6.22 1.06
N VAL A 102 -1.91 6.41 2.19
CA VAL A 102 -1.36 5.91 3.46
C VAL A 102 -2.47 5.59 4.42
N THR A 103 -2.21 4.71 5.40
CA THR A 103 -3.23 4.47 6.43
C THR A 103 -3.01 5.52 7.53
N HIS A 104 -4.10 6.04 8.09
CA HIS A 104 -4.03 7.03 9.18
C HIS A 104 -4.87 6.54 10.37
N PHE A 105 -4.25 6.63 11.56
CA PHE A 105 -5.01 6.37 12.80
C PHE A 105 -4.98 7.56 13.73
N PRO A 106 -6.12 7.85 14.37
CA PRO A 106 -6.08 8.83 15.49
C PRO A 106 -5.21 8.29 16.64
N SER A 107 -4.81 9.18 17.55
CA SER A 107 -4.03 8.75 18.75
C SER A 107 -4.73 7.62 19.46
N LYS A 108 -3.88 6.66 19.88
CA LYS A 108 -4.28 5.47 20.67
C LYS A 108 -4.75 4.31 19.84
N TYR A 109 -4.86 4.50 18.50
CA TYR A 109 -5.41 3.44 17.64
C TYR A 109 -4.38 2.90 16.67
N GLY A 110 -4.58 1.65 16.34
CA GLY A 110 -3.76 0.98 15.30
C GLY A 110 -4.47 -0.25 14.80
N PHE A 111 -3.70 -1.10 14.11
CA PHE A 111 -4.30 -2.30 13.49
C PHE A 111 -5.15 -3.16 14.41
N TRP A 112 -4.65 -3.37 15.62
CA TRP A 112 -5.29 -4.34 16.48
C TRP A 112 -6.53 -3.84 17.18
N ASN A 113 -6.66 -2.55 17.42
CA ASN A 113 -7.82 -2.05 18.11
C ASN A 113 -8.73 -1.13 17.29
N ALA A 114 -8.53 -1.09 15.96
CA ALA A 114 -9.36 -0.27 15.13
C ALA A 114 -10.83 -0.63 15.28
N GLY A 115 -11.68 0.38 15.45
CA GLY A 115 -13.13 0.20 15.54
C GLY A 115 -13.81 -0.08 14.20
N LEU A 116 -15.08 -0.48 14.22
CA LEU A 116 -15.81 -0.82 13.03
C LEU A 116 -16.23 0.37 12.18
N GLY A 117 -16.07 0.23 10.88
CA GLY A 117 -16.73 1.10 9.91
C GLY A 117 -15.90 2.30 9.46
N SER A 118 -16.50 3.12 8.61
CA SER A 118 -15.74 4.16 7.90
C SER A 118 -15.51 5.41 8.75
N GLY A 119 -16.28 5.58 9.85
CA GLY A 119 -16.22 6.84 10.59
C GLY A 119 -16.99 7.99 9.97
N PHE A 120 -17.77 7.69 8.91
CA PHE A 120 -18.61 8.67 8.21
C PHE A 120 -20.07 8.26 8.35
N LYS A 121 -20.95 9.26 8.27
CA LYS A 121 -22.40 9.08 8.32
C LYS A 121 -23.05 9.74 7.11
N ASN A 122 -24.07 9.12 6.55
CA ASN A 122 -24.75 9.74 5.48
CA ASN A 122 -24.86 9.69 5.44
C ASN A 122 -25.88 10.63 5.99
N ILE A 123 -25.84 11.90 5.58
CA ILE A 123 -26.94 12.82 5.88
CA ILE A 123 -26.89 12.89 5.91
C ILE A 123 -27.40 13.41 4.57
N ASP A 124 -28.64 13.04 4.23
CA ASP A 124 -29.30 13.54 3.01
C ASP A 124 -28.45 13.32 1.76
N GLY A 125 -27.85 12.15 1.72
CA GLY A 125 -27.20 11.72 0.51
C GLY A 125 -25.76 12.12 0.34
N LYS A 126 -25.16 12.68 1.40
CA LYS A 126 -23.69 12.97 1.38
C LYS A 126 -23.09 12.36 2.62
N GLU A 127 -21.88 11.83 2.47
CA GLU A 127 -21.18 11.25 3.65
C GLU A 127 -20.37 12.32 4.37
N TYR A 128 -20.49 12.36 5.71
CA TYR A 128 -19.80 13.38 6.50
C TYR A 128 -19.08 12.71 7.65
N LEU A 129 -17.87 13.19 7.90
CA LEU A 129 -17.07 12.66 9.03
C LEU A 129 -17.79 12.90 10.34
N CYS A 130 -17.82 11.86 11.17
CA CYS A 130 -18.43 11.99 12.50
C CYS A 130 -17.39 12.41 13.55
N LEU A 131 -17.84 13.20 14.53
CA LEU A 131 -16.98 13.49 15.69
C LEU A 131 -17.78 13.19 16.94
N TYR A 132 -17.08 12.85 18.02
CA TYR A 132 -17.75 12.43 19.26
C TYR A 132 -17.18 13.25 20.39
N ASP A 133 -18.07 13.66 21.31
CA ASP A 133 -17.58 14.26 22.58
C ASP A 133 -17.39 13.18 23.67
N SER A 134 -16.93 13.62 24.85
CA SER A 134 -16.53 12.67 25.88
C SER A 134 -17.67 11.80 26.36
N SER A 135 -18.90 12.28 26.17
CA SER A 135 -20.07 11.50 26.54
C SER A 135 -20.58 10.61 25.40
N GLY A 136 -19.95 10.70 24.22
CA GLY A 136 -20.34 9.87 23.08
C GLY A 136 -21.38 10.47 22.16
N LYS A 137 -21.79 11.73 22.38
CA LYS A 137 -22.74 12.42 21.50
C LYS A 137 -22.06 12.59 20.14
N GLU A 138 -22.83 12.44 19.08
CA GLU A 138 -22.31 12.43 17.69
C GLU A 138 -22.59 13.76 17.02
N PHE A 139 -21.55 14.27 16.37
CA PHE A 139 -21.56 15.51 15.57
C PHE A 139 -21.08 15.12 14.18
N THR A 140 -21.32 15.99 13.21
CA THR A 140 -20.82 15.73 11.84
C THR A 140 -20.08 16.95 11.36
N VAL A 141 -19.14 16.69 10.44
CA VAL A 141 -18.38 17.80 9.81
C VAL A 141 -18.90 17.96 8.39
N ARG A 142 -19.48 19.13 8.12
CA ARG A 142 -20.13 19.39 6.83
C ARG A 142 -19.43 20.58 6.22
N GLU A 143 -18.64 20.30 5.17
CA GLU A 143 -17.80 21.36 4.58
C GLU A 143 -16.96 22.11 5.63
N ASN A 144 -16.30 21.31 6.47
CA ASN A 144 -15.42 21.80 7.54
C ASN A 144 -16.07 22.57 8.69
N VAL A 145 -17.42 22.51 8.74
CA VAL A 145 -18.16 23.13 9.84
C VAL A 145 -18.83 22.03 10.66
N VAL A 146 -18.70 22.12 11.98
CA VAL A 146 -19.21 21.04 12.86
C VAL A 146 -20.68 21.34 13.20
N TYR A 147 -21.52 20.35 12.94
CA TYR A 147 -22.95 20.39 13.25
C TYR A 147 -23.28 19.38 14.34
N ASP A 148 -24.21 19.73 15.26
CA ASP A 148 -24.61 18.77 16.26
C ASP A 148 -25.66 17.79 15.75
N LYS A 149 -26.07 16.86 16.61
CA LYS A 149 -27.01 15.82 16.18
C LYS A 149 -28.38 16.34 15.72
N ASP A 150 -28.72 17.59 16.06
CA ASP A 150 -29.98 18.19 15.60
C ASP A 150 -29.76 19.07 14.40
N SER A 151 -28.58 18.94 13.79
CA SER A 151 -28.18 19.75 12.63
C SER A 151 -28.14 21.28 12.94
N ASN A 152 -27.86 21.62 14.19
CA ASN A 152 -27.51 23.01 14.55
C ASN A 152 -26.03 23.22 14.28
N LYS A 153 -25.66 24.29 13.61
CA LYS A 153 -24.25 24.70 13.47
C LYS A 153 -23.63 24.99 14.83
N THR A 154 -22.42 24.49 15.11
CA THR A 154 -21.74 24.82 16.33
C THR A 154 -20.69 25.93 16.07
N GLU A 155 -19.92 26.26 17.10
CA GLU A 155 -18.80 27.24 16.92
C GLU A 155 -17.52 26.59 16.38
N TYR A 156 -17.60 25.29 16.08
CA TYR A 156 -16.38 24.56 15.70
C TYR A 156 -16.27 24.37 14.22
N THR A 157 -15.01 24.40 13.79
CA THR A 157 -14.69 24.07 12.38
C THR A 157 -13.45 23.18 12.38
N THR A 158 -13.18 22.56 11.21
CA THR A 158 -11.98 21.72 11.09
C THR A 158 -11.22 22.11 9.83
N ASN A 159 -10.01 21.55 9.68
CA ASN A 159 -9.36 21.53 8.35
C ASN A 159 -8.98 20.12 7.93
N ALA A 160 -8.31 20.01 6.79
CA ALA A 160 -8.05 18.67 6.23
C ALA A 160 -7.12 17.86 7.08
N LEU A 161 -6.32 18.54 7.90
CA LEU A 161 -5.38 17.85 8.77
C LEU A 161 -6.02 17.56 10.15
N GLY A 162 -7.29 17.87 10.29
CA GLY A 162 -8.03 17.54 11.53
C GLY A 162 -7.88 18.59 12.62
N ASP A 163 -7.24 19.75 12.36
CA ASP A 163 -7.23 20.77 13.37
C ASP A 163 -8.67 21.18 13.67
N LEU A 164 -8.89 21.49 14.94
CA LEU A 164 -10.22 21.85 15.46
C LEU A 164 -10.14 23.32 15.95
N PHE A 165 -10.99 24.16 15.38
CA PHE A 165 -10.96 25.60 15.66
C PHE A 165 -12.27 25.95 16.33
N LYS A 166 -12.20 26.76 17.40
CA LYS A 166 -13.43 27.34 18.02
C LYS A 166 -13.49 28.83 17.65
N ASN A 167 -14.51 29.19 16.88
CA ASN A 167 -14.60 30.61 16.37
C ASN A 167 -13.29 31.01 15.69
N GLY A 168 -12.67 30.08 14.96
CA GLY A 168 -11.50 30.37 14.14
C GLY A 168 -10.17 30.34 14.87
N THR A 169 -10.18 29.98 16.16
CA THR A 169 -8.96 29.85 16.91
C THR A 169 -8.67 28.36 17.18
N LYS A 170 -7.50 27.90 16.81
CA LYS A 170 -7.18 26.46 16.96
C LYS A 170 -7.16 26.13 18.43
N ILE A 171 -7.85 25.05 18.81
CA ILE A 171 -7.81 24.60 20.21
C ILE A 171 -7.29 23.19 20.36
N ASP A 172 -7.38 22.40 19.27
CA ASP A 172 -6.87 21.01 19.39
C ASP A 172 -6.90 20.39 17.98
N ASN A 173 -6.93 19.07 17.91
CA ASN A 173 -7.00 18.39 16.61
C ASN A 173 -7.80 17.12 16.87
N ILE A 174 -8.75 16.84 15.99
CA ILE A 174 -9.69 15.73 16.20
C ILE A 174 -9.01 14.34 16.26
N ASN A 175 -7.73 14.30 15.92
CA ASN A 175 -6.97 13.03 15.93
C ASN A 175 -6.14 12.89 17.19
N SER A 176 -6.16 13.91 18.06
CA SER A 176 -5.32 13.83 19.28
C SER A 176 -6.00 13.02 20.38
N SER A 177 -5.24 12.74 21.45
CA SER A 177 -5.84 12.07 22.63
C SER A 177 -6.63 13.01 23.56
N THR A 178 -6.51 14.31 23.36
CA THR A 178 -7.08 15.32 24.27
C THR A 178 -8.30 16.05 23.71
N ALA A 179 -8.59 15.92 22.41
CA ALA A 179 -9.59 16.82 21.81
C ALA A 179 -11.00 16.67 22.40
N PRO A 180 -11.76 17.78 22.52
CA PRO A 180 -13.13 17.64 23.02
CA PRO A 180 -13.16 17.69 23.01
C PRO A 180 -14.11 17.07 22.00
N LEU A 181 -13.68 17.02 20.73
CA LEU A 181 -14.41 16.36 19.66
C LEU A 181 -13.38 15.51 18.93
N LYS A 182 -13.61 14.20 18.87
CA LYS A 182 -12.65 13.26 18.30
C LYS A 182 -13.26 12.48 17.15
N ALA A 183 -12.49 12.24 16.11
CA ALA A 183 -12.89 11.27 15.12
C ALA A 183 -13.04 9.86 15.70
N LYS A 184 -13.76 8.98 15.04
CA LYS A 184 -13.87 7.59 15.52
C LYS A 184 -12.49 6.96 15.53
N GLY A 185 -12.19 6.16 16.55
CA GLY A 185 -10.89 5.49 16.62
C GLY A 185 -10.86 4.27 15.74
N THR A 186 -10.36 4.48 14.53
CA THR A 186 -10.28 3.43 13.54
C THR A 186 -9.30 3.85 12.47
N SER A 187 -9.06 2.94 11.52
CA SER A 187 -8.20 3.30 10.37
C SER A 187 -9.00 4.18 9.37
N TYR A 188 -8.22 5.06 8.72
CA TYR A 188 -8.70 5.85 7.59
C TYR A 188 -7.67 5.73 6.49
N ILE A 189 -8.18 5.67 5.26
CA ILE A 189 -7.27 5.74 4.10
C ILE A 189 -7.15 7.21 3.65
N ASN A 190 -5.92 7.73 3.61
CA ASN A 190 -5.64 9.12 3.20
C ASN A 190 -4.97 9.03 1.85
N LEU A 191 -5.25 10.05 1.02
CA LEU A 191 -4.65 10.17 -0.34
C LEU A 191 -4.08 11.59 -0.43
N VAL A 192 -2.85 11.69 -0.91
CA VAL A 192 -2.33 13.02 -1.30
C VAL A 192 -1.84 12.86 -2.75
N TYR A 193 -1.71 13.98 -3.44
CA TYR A 193 -1.26 13.90 -4.84
C TYR A 193 -0.27 15.05 -5.13
N SER A 194 0.52 14.85 -6.19
CA SER A 194 1.44 15.88 -6.68
C SER A 194 1.28 16.00 -8.18
N ASP A 195 1.16 17.25 -8.65
CA ASP A 195 1.06 17.52 -10.10
C ASP A 195 2.35 18.10 -10.66
N ASP A 196 3.36 18.19 -9.84
CA ASP A 196 4.64 18.77 -10.25
C ASP A 196 5.76 17.77 -9.97
N ASP A 197 5.48 16.49 -10.23
CA ASP A 197 6.49 15.45 -10.25
C ASP A 197 7.11 15.24 -8.85
N GLY A 198 6.29 15.44 -7.81
CA GLY A 198 6.68 15.17 -6.43
C GLY A 198 7.28 16.33 -5.65
N LYS A 199 7.37 17.51 -6.26
CA LYS A 199 7.95 18.63 -5.54
C LYS A 199 7.04 19.16 -4.44
N THR A 200 5.75 19.28 -4.77
CA THR A 200 4.75 19.70 -3.79
C THR A 200 3.60 18.68 -3.76
N TRP A 201 2.97 18.57 -2.59
CA TRP A 201 1.92 17.59 -2.36
C TRP A 201 0.69 18.27 -1.76
N SER A 202 -0.48 17.73 -2.08
CA SER A 202 -1.75 18.22 -1.55
C SER A 202 -1.91 17.97 -0.07
N GLU A 203 -2.93 18.63 0.50
CA GLU A 203 -3.44 18.29 1.83
C GLU A 203 -4.09 16.87 1.72
N PRO A 204 -4.09 16.09 2.81
CA PRO A 204 -4.73 14.74 2.74
C PRO A 204 -6.23 14.77 2.48
N GLN A 205 -6.68 13.84 1.63
CA GLN A 205 -8.09 13.57 1.40
C GLN A 205 -8.41 12.26 2.09
N ASN A 206 -9.41 12.26 2.95
CA ASN A 206 -9.84 11.04 3.64
C ASN A 206 -10.88 10.36 2.77
N ILE A 207 -10.49 9.20 2.18
CA ILE A 207 -11.40 8.50 1.26
C ILE A 207 -12.14 7.32 1.86
N ASN A 208 -12.11 7.22 3.20
CA ASN A 208 -12.77 6.07 3.85
C ASN A 208 -14.23 5.91 3.43
N PHE A 209 -14.92 7.03 3.23
CA PHE A 209 -16.35 6.98 2.87
C PHE A 209 -16.61 6.26 1.53
N GLN A 210 -15.59 6.22 0.66
CA GLN A 210 -15.72 5.55 -0.64
C GLN A 210 -15.34 4.06 -0.64
N VAL A 211 -14.47 3.66 0.29
CA VAL A 211 -13.86 2.32 0.19
C VAL A 211 -14.04 1.41 1.40
N LYS A 212 -14.40 1.95 2.56
CA LYS A 212 -14.46 1.11 3.77
C LYS A 212 -15.92 0.76 4.10
N LYS A 213 -16.17 -0.53 4.21
CA LYS A 213 -17.50 -1.07 4.50
C LYS A 213 -17.77 -1.09 6.00
N ASP A 214 -19.06 -1.24 6.34
CA ASP A 214 -19.50 -1.05 7.73
C ASP A 214 -19.02 -2.17 8.63
N TRP A 215 -18.69 -3.31 7.99
CA TRP A 215 -18.25 -4.50 8.70
C TRP A 215 -16.71 -4.67 8.78
N MET A 216 -15.98 -3.73 8.17
CA MET A 216 -14.52 -3.74 8.26
C MET A 216 -14.08 -3.00 9.52
N LYS A 217 -13.09 -3.56 10.20
CA LYS A 217 -12.46 -2.96 11.35
C LYS A 217 -11.24 -2.18 10.91
N PHE A 218 -10.21 -2.89 10.50
CA PHE A 218 -9.04 -2.24 9.87
C PHE A 218 -9.19 -2.31 8.36
N LEU A 219 -8.89 -1.21 7.68
CA LEU A 219 -8.70 -1.22 6.21
C LEU A 219 -7.47 -0.35 5.98
N GLY A 220 -6.40 -0.94 5.42
CA GLY A 220 -5.18 -0.22 5.29
C GLY A 220 -4.56 -0.43 3.94
N ILE A 221 -3.72 0.55 3.57
CA ILE A 221 -2.85 0.39 2.39
C ILE A 221 -1.91 -0.81 2.58
N ALA A 222 -1.70 -1.60 1.52
CA ALA A 222 -0.64 -2.63 1.53
C ALA A 222 0.58 -1.92 0.92
N PRO A 223 1.61 -1.68 1.72
CA PRO A 223 2.64 -0.72 1.25
C PRO A 223 3.49 -1.18 0.08
N GLY A 224 3.96 -0.18 -0.66
CA GLY A 224 4.80 -0.39 -1.83
C GLY A 224 4.28 0.48 -2.97
N ARG A 225 3.69 -0.14 -3.97
CA ARG A 225 3.21 0.62 -5.14
C ARG A 225 1.88 0.11 -5.62
N GLY A 226 1.24 0.91 -6.46
CA GLY A 226 0.07 0.44 -7.22
C GLY A 226 0.43 0.26 -8.68
N ILE A 227 -0.59 0.02 -9.51
CA ILE A 227 -0.37 -0.04 -10.99
C ILE A 227 -1.44 0.77 -11.67
N GLN A 228 -1.17 1.09 -12.95
CA GLN A 228 -2.26 1.57 -13.83
C GLN A 228 -2.31 0.56 -14.94
N ILE A 229 -3.52 0.00 -15.16
CA ILE A 229 -3.68 -1.08 -16.15
C ILE A 229 -3.38 -0.56 -17.56
N LYS A 230 -2.62 -1.36 -18.32
CA LYS A 230 -2.13 -0.92 -19.66
C LYS A 230 -2.89 -1.59 -20.77
N ASN A 231 -3.43 -2.77 -20.53
CA ASN A 231 -3.98 -3.61 -21.62
C ASN A 231 -5.42 -3.98 -21.31
N GLY A 232 -6.23 -4.10 -22.36
CA GLY A 232 -7.56 -4.67 -22.17
C GLY A 232 -8.62 -3.64 -21.83
N GLU A 233 -9.77 -4.18 -21.39
CA GLU A 233 -10.98 -3.36 -21.17
C GLU A 233 -10.90 -2.38 -20.03
N HIS A 234 -9.96 -2.62 -19.12
CA HIS A 234 -9.78 -1.70 -18.00
C HIS A 234 -8.52 -0.86 -18.09
N LYS A 235 -8.00 -0.69 -19.31
CA LYS A 235 -6.89 0.22 -19.54
C LYS A 235 -7.17 1.56 -18.90
N GLY A 236 -6.19 2.12 -18.20
CA GLY A 236 -6.37 3.37 -17.46
C GLY A 236 -6.74 3.25 -15.99
N ARG A 237 -7.31 2.12 -15.61
CA ARG A 237 -7.74 1.95 -14.21
C ARG A 237 -6.48 2.00 -13.30
N ILE A 238 -6.58 2.80 -12.24
CA ILE A 238 -5.49 2.90 -11.21
C ILE A 238 -5.87 1.94 -10.09
N VAL A 239 -4.95 1.01 -9.75
CA VAL A 239 -5.19 -0.10 -8.83
C VAL A 239 -4.21 0.01 -7.68
N VAL A 240 -4.78 0.05 -6.47
CA VAL A 240 -3.98 0.18 -5.24
C VAL A 240 -4.27 -0.97 -4.27
N PRO A 241 -3.28 -1.86 -4.04
CA PRO A 241 -3.44 -2.95 -3.05
C PRO A 241 -3.75 -2.44 -1.61
N VAL A 242 -4.70 -3.15 -0.98
CA VAL A 242 -5.08 -2.89 0.40
C VAL A 242 -5.37 -4.23 1.09
N TYR A 243 -5.61 -4.14 2.40
CA TYR A 243 -6.13 -5.34 3.08
C TYR A 243 -6.95 -4.87 4.27
N TYR A 244 -7.84 -5.74 4.73
CA TYR A 244 -8.73 -5.32 5.83
C TYR A 244 -8.97 -6.46 6.78
N THR A 245 -9.54 -6.12 7.93
CA THR A 245 -10.06 -7.15 8.89
C THR A 245 -11.55 -7.03 9.01
N ASN A 246 -12.19 -8.17 9.21
CA ASN A 246 -13.61 -8.20 9.51
C ASN A 246 -13.87 -8.07 11.00
N GLU A 247 -15.15 -8.30 11.36
CA GLU A 247 -15.55 -8.11 12.75
C GLU A 247 -14.88 -9.10 13.70
N LYS A 248 -14.46 -10.25 13.16
CA LYS A 248 -13.70 -11.25 13.93
C LYS A 248 -12.19 -11.01 13.92
N GLY A 249 -11.75 -9.93 13.24
CA GLY A 249 -10.36 -9.56 13.23
C GLY A 249 -9.51 -10.27 12.20
N LYS A 250 -10.15 -11.00 11.30
CA LYS A 250 -9.36 -11.85 10.35
C LYS A 250 -9.10 -11.08 9.06
N GLN A 251 -7.90 -11.25 8.50
CA GLN A 251 -7.40 -10.37 7.40
C GLN A 251 -7.66 -10.97 6.03
N SER A 252 -8.08 -10.10 5.11
CA SER A 252 -8.24 -10.44 3.69
C SER A 252 -7.68 -9.30 2.81
N SER A 253 -7.01 -9.66 1.72
CA SER A 253 -6.47 -8.70 0.73
C SER A 253 -7.55 -8.23 -0.22
N ALA A 254 -7.28 -7.08 -0.84
CA ALA A 254 -8.13 -6.64 -1.97
C ALA A 254 -7.38 -5.53 -2.70
N VAL A 255 -8.03 -4.95 -3.70
CA VAL A 255 -7.53 -3.70 -4.25
C VAL A 255 -8.64 -2.67 -4.22
N ILE A 256 -8.22 -1.41 -4.05
CA ILE A 256 -9.10 -0.28 -4.41
C ILE A 256 -8.70 0.27 -5.78
N TYR A 257 -9.67 0.84 -6.48
CA TYR A 257 -9.33 1.28 -7.84
C TYR A 257 -10.16 2.49 -8.25
N SER A 258 -9.60 3.22 -9.21
CA SER A 258 -10.25 4.39 -9.75
C SER A 258 -10.22 4.34 -11.25
N ASP A 259 -11.38 4.61 -11.85
CA ASP A 259 -11.53 4.74 -13.31
C ASP A 259 -11.64 6.17 -13.76
N ASP A 260 -11.63 7.11 -12.82
CA ASP A 260 -11.71 8.54 -13.19
C ASP A 260 -10.50 9.33 -12.70
N SER A 261 -9.32 8.80 -13.00
CA SER A 261 -8.07 9.54 -12.75
C SER A 261 -7.86 9.88 -11.27
N GLY A 262 -8.37 9.01 -10.40
CA GLY A 262 -8.13 9.18 -8.96
C GLY A 262 -9.14 10.02 -8.21
N LYS A 263 -10.18 10.51 -8.89
CA LYS A 263 -11.18 11.34 -8.23
C LYS A 263 -12.09 10.53 -7.29
N ASN A 264 -12.47 9.31 -7.73
CA ASN A 264 -13.31 8.45 -6.94
C ASN A 264 -12.73 7.07 -6.95
N TRP A 265 -12.93 6.37 -5.83
CA TRP A 265 -12.37 5.05 -5.60
C TRP A 265 -13.46 4.06 -5.17
N THR A 266 -13.20 2.80 -5.47
CA THR A 266 -14.05 1.62 -5.21
C THR A 266 -13.16 0.55 -4.64
N ILE A 267 -13.65 -0.20 -3.67
CA ILE A 267 -13.00 -1.44 -3.30
C ILE A 267 -13.57 -2.64 -4.02
N GLY A 268 -12.68 -3.53 -4.49
CA GLY A 268 -13.12 -4.78 -5.10
C GLY A 268 -13.36 -5.85 -4.04
N GLU A 269 -13.87 -7.00 -4.48
CA GLU A 269 -13.91 -8.13 -3.60
C GLU A 269 -12.52 -8.61 -3.21
N SER A 270 -12.42 -9.34 -2.11
CA SER A 270 -11.19 -10.01 -1.77
C SER A 270 -11.02 -11.35 -2.54
N PRO A 271 -9.80 -11.81 -2.79
CA PRO A 271 -9.65 -13.25 -3.16
C PRO A 271 -10.25 -14.16 -2.08
N ASN A 272 -10.48 -13.69 -0.84
CA ASN A 272 -11.16 -14.55 0.16
C ASN A 272 -12.65 -14.62 -0.08
N ASP A 273 -13.20 -13.80 -0.98
CA ASP A 273 -14.66 -13.84 -1.23
C ASP A 273 -14.97 -14.97 -2.19
N ASN A 274 -15.74 -15.94 -1.69
CA ASN A 274 -16.07 -17.16 -2.45
C ASN A 274 -14.84 -17.95 -2.79
N ARG A 275 -13.83 -17.88 -1.91
CA ARG A 275 -12.67 -18.66 -2.13
C ARG A 275 -12.91 -20.14 -1.80
N LYS A 276 -12.33 -21.04 -2.60
CA LYS A 276 -12.39 -22.49 -2.35
C LYS A 276 -11.10 -22.90 -1.71
N LEU A 277 -11.15 -23.30 -0.44
CA LEU A 277 -9.96 -23.77 0.25
C LEU A 277 -9.61 -25.18 -0.22
N GLU A 278 -8.44 -25.65 0.16
CA GLU A 278 -8.03 -27.01 -0.17
C GLU A 278 -8.97 -28.07 0.41
N ASN A 279 -9.58 -27.80 1.57
CA ASN A 279 -10.58 -28.76 2.10
C ASN A 279 -11.99 -28.60 1.46
N GLY A 280 -12.08 -27.72 0.47
CA GLY A 280 -13.32 -27.57 -0.27
C GLY A 280 -14.26 -26.52 0.26
N LYS A 281 -14.04 -26.06 1.49
CA LYS A 281 -14.90 -25.06 2.07
C LYS A 281 -14.87 -23.76 1.25
N ILE A 282 -16.05 -23.19 1.03
CA ILE A 282 -16.18 -21.88 0.36
C ILE A 282 -16.33 -20.84 1.45
N ILE A 283 -15.35 -19.91 1.52
CA ILE A 283 -15.37 -18.87 2.55
C ILE A 283 -15.68 -17.50 1.95
N ASN A 284 -15.85 -16.53 2.83
CA ASN A 284 -15.86 -15.15 2.36
CA ASN A 284 -16.02 -15.12 2.46
C ASN A 284 -15.17 -14.27 3.37
N SER A 285 -14.75 -13.09 2.93
CA SER A 285 -13.91 -12.26 3.80
C SER A 285 -14.74 -11.66 4.96
N LYS A 286 -16.06 -11.57 4.78
CA LYS A 286 -16.91 -10.97 5.85
C LYS A 286 -17.10 -11.95 7.00
N THR A 287 -17.13 -13.25 6.68
CA THR A 287 -17.35 -14.27 7.68
C THR A 287 -16.12 -15.04 8.14
N LEU A 288 -14.98 -14.90 7.46
CA LEU A 288 -13.77 -15.64 7.80
C LEU A 288 -13.54 -15.63 9.30
N SER A 289 -13.46 -16.82 9.91
CA SER A 289 -13.30 -16.92 11.36
C SER A 289 -12.03 -17.62 11.80
N ASP A 290 -11.25 -18.16 10.85
CA ASP A 290 -10.01 -18.91 11.16
C ASP A 290 -8.75 -18.15 10.70
N ASP A 291 -7.61 -18.43 11.32
CA ASP A 291 -6.40 -17.75 10.93
C ASP A 291 -5.79 -18.28 9.64
N ALA A 292 -5.90 -19.59 9.39
CA ALA A 292 -5.10 -20.17 8.32
C ALA A 292 -5.28 -19.56 6.89
N PRO A 293 -6.53 -19.25 6.49
CA PRO A 293 -6.79 -18.69 5.15
C PRO A 293 -6.56 -17.18 5.04
N GLN A 294 -6.03 -16.55 6.07
CA GLN A 294 -5.86 -15.04 6.00
C GLN A 294 -4.94 -14.65 4.85
N LEU A 295 -5.27 -13.51 4.22
CA LEU A 295 -4.46 -12.96 3.14
C LEU A 295 -4.25 -11.53 3.51
N THR A 296 -3.01 -11.05 3.48
CA THR A 296 -2.78 -9.71 4.09
C THR A 296 -2.17 -8.72 3.08
N GLU A 297 -1.03 -8.15 3.39
CA GLU A 297 -0.39 -7.18 2.47
C GLU A 297 -0.15 -7.85 1.15
N CYS A 298 -0.23 -7.08 0.08
CA CYS A 298 -0.18 -7.64 -1.26
C CYS A 298 0.32 -6.60 -2.23
N GLN A 299 0.80 -7.11 -3.38
CA GLN A 299 1.15 -6.21 -4.49
C GLN A 299 0.62 -6.88 -5.77
N VAL A 300 0.38 -6.07 -6.80
CA VAL A 300 -0.36 -6.58 -7.98
C VAL A 300 0.45 -6.35 -9.26
N VAL A 301 0.38 -7.30 -10.19
CA VAL A 301 0.95 -7.09 -11.53
C VAL A 301 -0.05 -7.49 -12.60
N GLU A 302 0.22 -7.07 -13.84
CA GLU A 302 -0.68 -7.34 -14.97
C GLU A 302 -0.04 -8.31 -15.97
N MET A 303 -0.87 -9.21 -16.43
CA MET A 303 -0.50 -10.14 -17.46
C MET A 303 -0.62 -9.50 -18.86
N PRO A 304 -0.08 -10.17 -19.88
CA PRO A 304 -0.08 -9.60 -21.23
C PRO A 304 -1.46 -9.15 -21.77
N ASN A 305 -2.53 -9.84 -21.35
CA ASN A 305 -3.88 -9.49 -21.84
C ASN A 305 -4.66 -8.58 -20.86
N GLY A 306 -4.00 -8.17 -19.76
CA GLY A 306 -4.67 -7.30 -18.80
C GLY A 306 -5.08 -8.05 -17.51
N GLN A 307 -5.08 -9.38 -17.52
CA GLN A 307 -5.44 -10.11 -16.33
C GLN A 307 -4.59 -9.65 -15.15
N LEU A 308 -5.18 -9.60 -13.95
CA LEU A 308 -4.35 -9.22 -12.77
C LEU A 308 -3.98 -10.39 -11.92
N LYS A 309 -2.77 -10.28 -11.35
CA LYS A 309 -2.26 -11.29 -10.38
C LYS A 309 -1.92 -10.53 -9.12
N LEU A 310 -2.47 -11.02 -8.02
CA LEU A 310 -2.27 -10.40 -6.71
C LEU A 310 -1.41 -11.31 -5.88
N PHE A 311 -0.22 -10.84 -5.54
CA PHE A 311 0.79 -11.58 -4.81
C PHE A 311 0.58 -11.19 -3.34
N MET A 312 0.37 -12.18 -2.46
CA MET A 312 -0.11 -11.91 -1.08
C MET A 312 0.72 -12.53 0.03
N ARG A 313 1.03 -11.71 1.04
CA ARG A 313 1.44 -12.22 2.36
C ARG A 313 0.34 -13.09 3.00
N ASN A 314 0.77 -14.21 3.59
CA ASN A 314 -0.21 -15.19 4.06
C ASN A 314 0.46 -16.07 5.11
N LEU A 315 -0.26 -17.11 5.59
CA LEU A 315 0.28 -17.89 6.73
C LEU A 315 0.76 -19.29 6.32
N SER A 316 0.77 -19.56 5.02
CA SER A 316 1.21 -20.89 4.54
C SER A 316 2.70 -21.13 4.53
N GLY A 317 3.50 -20.08 4.63
CA GLY A 317 4.96 -20.20 4.49
C GLY A 317 5.47 -20.03 3.07
N TYR A 318 4.55 -19.92 2.12
CA TYR A 318 4.92 -19.79 0.69
C TYR A 318 4.07 -18.69 0.03
N LEU A 319 4.56 -18.24 -1.11
CA LEU A 319 3.81 -17.20 -1.84
C LEU A 319 2.37 -17.67 -2.20
N ASN A 320 1.39 -16.75 -2.10
CA ASN A 320 0.05 -17.05 -2.59
C ASN A 320 -0.25 -16.07 -3.71
N ILE A 321 -1.00 -16.51 -4.74
CA ILE A 321 -1.26 -15.67 -5.92
C ILE A 321 -2.75 -15.81 -6.30
N ALA A 322 -3.47 -14.68 -6.40
CA ALA A 322 -4.85 -14.66 -6.86
C ALA A 322 -4.92 -14.10 -8.26
N THR A 323 -5.99 -14.43 -8.97
CA THR A 323 -6.16 -14.01 -10.38
C THR A 323 -7.51 -13.29 -10.57
N SER A 324 -7.48 -12.16 -11.27
CA SER A 324 -8.71 -11.40 -11.57
C SER A 324 -8.87 -11.20 -13.05
N PHE A 325 -10.06 -11.54 -13.55
CA PHE A 325 -10.38 -11.37 -14.98
C PHE A 325 -11.09 -10.04 -15.24
N ASP A 326 -11.43 -9.31 -14.19
CA ASP A 326 -12.26 -8.10 -14.34
C ASP A 326 -11.65 -6.87 -13.70
N GLY A 327 -10.32 -6.80 -13.76
CA GLY A 327 -9.67 -5.59 -13.36
C GLY A 327 -9.66 -5.38 -11.86
N GLY A 328 -9.78 -6.48 -11.08
CA GLY A 328 -9.70 -6.34 -9.65
C GLY A 328 -11.07 -6.23 -8.97
N ALA A 329 -12.18 -6.25 -9.73
CA ALA A 329 -13.51 -6.29 -9.09
C ALA A 329 -13.74 -7.60 -8.35
N THR A 330 -13.31 -8.71 -8.92
CA THR A 330 -13.48 -10.04 -8.26
C THR A 330 -12.29 -10.90 -8.62
N TRP A 331 -12.15 -12.02 -7.91
CA TRP A 331 -11.04 -12.92 -8.14
C TRP A 331 -11.54 -14.32 -8.34
N ASP A 332 -10.75 -15.14 -9.05
CA ASP A 332 -11.06 -16.55 -9.24
C ASP A 332 -11.02 -17.27 -7.87
N GLU A 333 -11.78 -18.36 -7.73
CA GLU A 333 -11.96 -19.01 -6.43
C GLU A 333 -10.70 -19.70 -5.91
N THR A 334 -9.73 -19.99 -6.79
CA THR A 334 -8.53 -20.70 -6.33
C THR A 334 -7.38 -19.69 -6.12
N VAL A 335 -6.86 -19.68 -4.90
CA VAL A 335 -5.63 -18.94 -4.59
C VAL A 335 -4.52 -19.97 -4.71
N GLU A 336 -3.57 -19.67 -5.59
CA GLU A 336 -2.47 -20.60 -5.86
CA GLU A 336 -2.44 -20.57 -5.89
C GLU A 336 -1.36 -20.45 -4.83
N LYS A 337 -0.77 -21.57 -4.42
CA LYS A 337 0.37 -21.50 -3.54
C LYS A 337 1.61 -21.87 -4.37
N ASP A 338 2.59 -20.98 -4.40
CA ASP A 338 3.79 -21.26 -5.18
C ASP A 338 4.90 -21.71 -4.23
N THR A 339 5.12 -23.02 -4.15
CA THR A 339 6.11 -23.54 -3.20
C THR A 339 7.57 -23.34 -3.65
N ASN A 340 7.76 -22.71 -4.81
CA ASN A 340 9.10 -22.30 -5.18
C ASN A 340 9.54 -20.99 -4.49
N VAL A 341 8.61 -20.33 -3.78
CA VAL A 341 8.90 -18.97 -3.26
C VAL A 341 8.47 -18.94 -1.80
N LEU A 342 9.46 -19.08 -0.90
CA LEU A 342 9.19 -18.94 0.54
C LEU A 342 8.61 -17.55 0.86
N GLU A 343 7.72 -17.44 1.85
CA GLU A 343 7.07 -16.18 2.21
C GLU A 343 6.98 -16.25 3.74
N PRO A 344 7.91 -15.61 4.45
CA PRO A 344 7.98 -15.76 5.94
C PRO A 344 6.98 -14.92 6.74
N TYR A 345 5.91 -14.47 6.11
CA TYR A 345 4.90 -13.60 6.75
C TYR A 345 5.49 -12.18 6.84
N CYS A 346 5.75 -11.66 5.67
CA CYS A 346 6.39 -10.36 5.48
C CYS A 346 5.85 -9.76 4.17
N GLN A 347 5.89 -8.44 4.06
CA GLN A 347 5.60 -7.78 2.83
C GLN A 347 6.60 -8.21 1.74
N LEU A 348 6.11 -8.16 0.49
CA LEU A 348 6.91 -8.49 -0.71
C LEU A 348 6.71 -7.36 -1.75
N SER A 349 7.64 -7.32 -2.69
CA SER A 349 7.44 -6.40 -3.80
C SER A 349 7.49 -7.19 -5.12
N VAL A 350 6.59 -6.83 -6.06
CA VAL A 350 6.64 -7.45 -7.37
C VAL A 350 6.23 -6.36 -8.37
N ILE A 351 6.93 -6.33 -9.52
CA ILE A 351 6.59 -5.35 -10.55
C ILE A 351 6.65 -5.95 -11.94
N ASN A 352 5.88 -5.35 -12.86
CA ASN A 352 6.11 -5.72 -14.23
C ASN A 352 7.43 -5.15 -14.73
N TYR A 353 8.09 -5.87 -15.66
CA TYR A 353 9.31 -5.39 -16.26
C TYR A 353 8.99 -5.07 -17.75
N SER A 354 9.58 -4.00 -18.33
CA SER A 354 9.07 -3.49 -19.63
C SER A 354 9.61 -4.24 -20.83
N GLN A 355 10.68 -5.00 -20.64
CA GLN A 355 11.32 -5.70 -21.76
C GLN A 355 11.20 -7.22 -21.60
N LYS A 356 11.11 -7.94 -22.71
CA LYS A 356 11.09 -9.43 -22.63
C LYS A 356 12.44 -9.93 -22.14
N VAL A 357 12.38 -11.02 -21.40
CA VAL A 357 13.56 -11.69 -20.93
C VAL A 357 13.49 -13.14 -21.44
N ASP A 358 14.51 -13.58 -22.19
CA ASP A 358 14.50 -14.94 -22.75
C ASP A 358 13.18 -15.23 -23.51
N GLY A 359 12.78 -14.21 -24.24
CA GLY A 359 11.61 -14.26 -25.12
C GLY A 359 10.26 -14.26 -24.40
N LYS A 360 10.25 -13.96 -23.10
CA LYS A 360 9.01 -14.00 -22.33
CA LYS A 360 9.03 -14.02 -22.28
C LYS A 360 8.76 -12.69 -21.60
N ASP A 361 7.49 -12.36 -21.44
CA ASP A 361 7.13 -11.25 -20.57
C ASP A 361 7.59 -11.63 -19.14
N ALA A 362 8.03 -10.62 -18.40
CA ALA A 362 8.68 -10.90 -17.11
C ALA A 362 8.18 -9.95 -16.03
N VAL A 363 8.34 -10.43 -14.80
CA VAL A 363 8.16 -9.63 -13.57
C VAL A 363 9.43 -9.73 -12.74
N ILE A 364 9.62 -8.73 -11.89
CA ILE A 364 10.76 -8.74 -10.92
C ILE A 364 10.12 -8.79 -9.55
N PHE A 365 10.68 -9.64 -8.68
CA PHE A 365 10.11 -9.91 -7.35
C PHE A 365 11.19 -9.78 -6.29
N SER A 366 10.81 -9.30 -5.13
CA SER A 366 11.76 -9.18 -4.01
C SER A 366 11.06 -9.50 -2.71
N ASN A 367 11.74 -10.32 -1.89
CA ASN A 367 11.27 -10.63 -0.54
C ASN A 367 12.38 -11.38 0.18
N PRO A 368 12.21 -11.65 1.47
CA PRO A 368 13.17 -12.47 2.24
C PRO A 368 12.92 -13.93 1.92
N ASN A 369 13.91 -14.55 1.24
CA ASN A 369 13.76 -15.96 0.87
C ASN A 369 14.20 -16.92 2.00
N ALA A 370 13.34 -17.00 3.00
CA ALA A 370 13.69 -17.75 4.22
C ALA A 370 12.41 -17.98 5.02
N ARG A 371 12.52 -18.67 6.16
CA ARG A 371 11.42 -18.77 7.11
C ARG A 371 11.47 -17.62 8.13
N SER A 372 12.34 -16.62 7.88
CA SER A 372 12.42 -15.46 8.71
C SER A 372 12.78 -14.30 7.80
N ARG A 373 12.82 -13.10 8.36
CA ARG A 373 13.12 -11.88 7.59
C ARG A 373 14.62 -11.78 7.35
N SER A 374 15.08 -12.59 6.37
CA SER A 374 16.51 -12.62 6.03
C SER A 374 16.70 -13.12 4.61
N ASN A 375 17.94 -13.14 4.17
CA ASN A 375 18.28 -13.75 2.87
C ASN A 375 17.50 -13.06 1.73
N GLY A 376 17.66 -11.75 1.67
CA GLY A 376 16.85 -10.95 0.69
C GLY A 376 17.26 -11.29 -0.71
N THR A 377 16.25 -11.60 -1.52
CA THR A 377 16.47 -12.25 -2.83
C THR A 377 15.59 -11.55 -3.87
N VAL A 378 16.19 -11.21 -5.00
CA VAL A 378 15.44 -10.60 -6.13
C VAL A 378 15.38 -11.65 -7.21
N ARG A 379 14.18 -11.84 -7.76
CA ARG A 379 13.92 -12.91 -8.74
C ARG A 379 13.36 -12.32 -10.02
N ILE A 380 13.62 -12.99 -11.13
CA ILE A 380 12.95 -12.63 -12.40
C ILE A 380 12.02 -13.82 -12.67
N GLY A 381 10.74 -13.51 -12.81
CA GLY A 381 9.75 -14.56 -13.11
C GLY A 381 9.24 -14.38 -14.53
N LEU A 382 9.35 -15.44 -15.31
CA LEU A 382 8.90 -15.34 -16.72
C LEU A 382 7.47 -15.88 -16.77
N ILE A 383 6.64 -15.18 -17.52
CA ILE A 383 5.20 -15.51 -17.62
C ILE A 383 4.98 -16.50 -18.76
N ASN A 384 4.33 -17.63 -18.47
CA ASN A 384 3.97 -18.56 -19.53
C ASN A 384 2.46 -18.83 -19.44
N GLN A 385 1.79 -18.92 -20.58
N GLN A 385 1.78 -18.78 -20.58
CA GLN A 385 0.46 -19.50 -20.58
CA GLN A 385 0.39 -19.21 -20.61
C GLN A 385 0.57 -21.02 -20.47
C GLN A 385 0.33 -20.72 -20.72
N VAL A 386 -0.11 -21.59 -19.49
N VAL A 386 -0.36 -21.32 -19.76
CA VAL A 386 0.00 -23.04 -19.26
CA VAL A 386 -0.49 -22.77 -19.71
C VAL A 386 -1.29 -23.76 -19.64
C VAL A 386 -1.99 -23.13 -19.83
N GLY A 387 -2.31 -22.99 -19.99
N GLY A 387 -2.49 -23.09 -21.06
CA GLY A 387 -3.60 -23.58 -20.30
CA GLY A 387 -3.90 -23.37 -21.32
C GLY A 387 -4.68 -22.54 -20.29
C GLY A 387 -4.85 -22.24 -20.94
N THR A 388 -5.91 -22.99 -20.11
N THR A 388 -6.09 -22.64 -20.65
CA THR A 388 -7.02 -22.07 -19.95
CA THR A 388 -7.19 -21.75 -20.25
C THR A 388 -7.85 -22.46 -18.76
C THR A 388 -8.00 -22.37 -19.12
N TYR A 389 -8.63 -21.50 -18.30
CA TYR A 389 -9.65 -21.84 -17.28
C TYR A 389 -10.89 -22.39 -17.98
N GLU A 390 -11.81 -22.94 -17.18
CA GLU A 390 -13.00 -23.52 -17.79
C GLU A 390 -13.82 -22.44 -18.49
N ASN A 391 -13.72 -21.20 -18.03
CA ASN A 391 -14.40 -20.06 -18.66
C ASN A 391 -13.74 -19.49 -19.93
N GLY A 392 -12.67 -20.16 -20.39
CA GLY A 392 -11.94 -19.81 -21.59
C GLY A 392 -10.85 -18.74 -21.44
N GLU A 393 -10.76 -18.11 -20.28
CA GLU A 393 -9.67 -17.15 -20.05
C GLU A 393 -8.30 -17.83 -20.03
N PRO A 394 -7.25 -17.11 -20.46
CA PRO A 394 -5.89 -17.66 -20.43
C PRO A 394 -5.41 -17.95 -19.00
N LYS A 395 -4.69 -19.03 -18.78
CA LYS A 395 -4.17 -19.38 -17.44
C LYS A 395 -2.66 -19.19 -17.50
N TYR A 396 -2.16 -18.31 -16.64
CA TYR A 396 -0.72 -17.97 -16.63
C TYR A 396 -0.06 -18.45 -15.37
N GLU A 397 1.20 -18.88 -15.50
CA GLU A 397 2.01 -19.25 -14.35
C GLU A 397 3.37 -18.56 -14.48
N PHE A 398 4.09 -18.47 -13.37
CA PHE A 398 5.43 -17.89 -13.37
C PHE A 398 6.51 -18.97 -13.28
N ASP A 399 7.60 -18.75 -14.01
CA ASP A 399 8.78 -19.58 -13.98
C ASP A 399 9.85 -18.71 -13.33
N TRP A 400 10.19 -19.00 -12.06
CA TRP A 400 11.17 -18.17 -11.33
C TRP A 400 12.57 -18.61 -11.78
N LYS A 401 12.95 -18.14 -12.96
CA LYS A 401 14.13 -18.69 -13.61
C LYS A 401 15.42 -18.18 -13.01
N TYR A 402 15.41 -16.92 -12.55
CA TYR A 402 16.64 -16.29 -12.02
C TYR A 402 16.31 -15.85 -10.60
N ASN A 403 17.21 -16.15 -9.64
CA ASN A 403 16.98 -15.87 -8.24
C ASN A 403 18.31 -15.46 -7.68
N LYS A 404 18.43 -14.23 -7.19
CA LYS A 404 19.73 -13.68 -6.78
C LYS A 404 19.70 -13.18 -5.35
N LEU A 405 20.59 -13.69 -4.50
CA LEU A 405 20.73 -13.16 -3.15
C LEU A 405 21.33 -11.76 -3.24
N VAL A 406 20.64 -10.76 -2.70
CA VAL A 406 21.15 -9.37 -2.74
C VAL A 406 21.51 -8.86 -1.31
N LYS A 407 20.94 -9.49 -0.27
CA LYS A 407 21.14 -9.02 1.09
C LYS A 407 21.26 -10.15 2.10
N PRO A 408 22.51 -10.56 2.40
CA PRO A 408 22.70 -11.53 3.52
C PRO A 408 22.30 -10.89 4.84
N GLY A 409 21.76 -11.70 5.74
CA GLY A 409 21.33 -11.20 7.01
C GLY A 409 19.95 -10.57 6.90
N TYR A 410 19.72 -9.52 7.70
CA TYR A 410 18.34 -9.07 7.91
C TYR A 410 17.76 -8.51 6.59
N TYR A 411 16.50 -8.87 6.31
CA TYR A 411 15.82 -8.30 5.13
C TYR A 411 14.36 -8.41 5.40
N ALA A 412 13.66 -7.26 5.38
CA ALA A 412 12.24 -7.28 5.60
C ALA A 412 11.47 -6.63 4.44
N TYR A 413 10.80 -5.49 4.70
CA TYR A 413 10.00 -4.91 3.60
C TYR A 413 10.88 -4.33 2.49
N SER A 414 10.32 -4.26 1.29
CA SER A 414 11.12 -3.77 0.15
C SER A 414 10.22 -3.20 -0.92
N CYS A 415 10.84 -2.41 -1.82
CA CYS A 415 10.09 -1.97 -2.98
C CYS A 415 11.01 -1.81 -4.15
N LEU A 416 10.55 -2.38 -5.27
CA LEU A 416 11.29 -2.34 -6.57
C LEU A 416 10.80 -1.22 -7.47
N THR A 417 11.68 -0.75 -8.37
CA THR A 417 11.22 0.00 -9.56
C THR A 417 12.11 -0.32 -10.76
N GLU A 418 11.54 -0.25 -11.97
CA GLU A 418 12.41 -0.27 -13.15
C GLU A 418 12.89 1.16 -13.35
N LEU A 419 14.14 1.27 -13.76
CA LEU A 419 14.77 2.60 -13.94
C LEU A 419 14.75 2.93 -15.45
N SER A 420 15.01 4.19 -15.78
CA SER A 420 15.00 4.60 -17.21
C SER A 420 16.00 3.86 -18.08
N ASN A 421 17.12 3.43 -17.50
CA ASN A 421 18.12 2.68 -18.28
C ASN A 421 17.81 1.16 -18.39
N GLY A 422 16.63 0.74 -17.90
CA GLY A 422 16.24 -0.68 -17.89
C GLY A 422 16.77 -1.47 -16.69
N ASN A 423 17.56 -0.84 -15.85
CA ASN A 423 18.00 -1.50 -14.63
C ASN A 423 16.91 -1.44 -13.57
N ILE A 424 17.23 -2.02 -12.41
CA ILE A 424 16.26 -2.16 -11.33
C ILE A 424 16.76 -1.46 -10.11
N GLY A 425 15.93 -0.56 -9.58
CA GLY A 425 16.21 0.02 -8.25
C GLY A 425 15.45 -0.71 -7.17
N LEU A 426 16.05 -0.71 -5.99
CA LEU A 426 15.45 -1.43 -4.85
C LEU A 426 15.75 -0.67 -3.57
N LEU A 427 14.68 -0.37 -2.84
CA LEU A 427 14.79 0.23 -1.51
C LEU A 427 14.33 -0.83 -0.50
N TYR A 428 15.20 -1.18 0.45
CA TYR A 428 14.87 -2.31 1.32
C TYR A 428 15.19 -2.06 2.79
N GLU A 429 14.42 -2.71 3.66
CA GLU A 429 14.74 -2.74 5.08
C GLU A 429 15.84 -3.77 5.39
N GLY A 430 17.10 -3.30 5.33
CA GLY A 430 18.25 -4.15 5.68
C GLY A 430 18.62 -4.05 7.16
N THR A 431 17.88 -3.19 7.88
CA THR A 431 17.85 -3.14 9.36
C THR A 431 16.38 -3.14 9.76
N PRO A 432 16.04 -3.50 11.01
CA PRO A 432 14.64 -3.51 11.38
C PRO A 432 13.98 -2.14 11.27
N SER A 433 14.65 -1.08 11.71
CA SER A 433 14.00 0.25 11.72
C SER A 433 14.92 1.44 11.73
N GLU A 434 16.09 1.25 11.13
CA GLU A 434 17.09 2.30 11.18
C GLU A 434 17.50 2.70 9.75
N GLU A 435 18.59 2.16 9.21
CA GLU A 435 19.00 2.43 7.84
C GLU A 435 18.14 1.65 6.82
N MET A 436 17.65 2.42 5.83
CA MET A 436 16.86 1.88 4.72
C MET A 436 17.78 2.02 3.52
N SER A 437 18.06 0.92 2.83
CA SER A 437 19.14 0.87 1.81
C SER A 437 18.59 0.91 0.41
N TYR A 438 19.26 1.69 -0.43
CA TYR A 438 18.93 1.78 -1.85
C TYR A 438 20.09 1.20 -2.69
N ILE A 439 19.75 0.33 -3.64
CA ILE A 439 20.71 -0.22 -4.63
C ILE A 439 20.11 -0.18 -6.03
N GLU A 440 21.00 -0.16 -7.01
CA GLU A 440 20.61 -0.32 -8.41
C GLU A 440 21.32 -1.60 -8.90
N MET A 441 20.58 -2.43 -9.65
CA MET A 441 21.23 -3.61 -10.22
CA MET A 441 21.06 -3.73 -10.17
C MET A 441 20.78 -3.80 -11.66
N ASN A 442 21.66 -4.44 -12.42
CA ASN A 442 21.23 -4.72 -13.80
C ASN A 442 20.87 -6.18 -14.03
N LEU A 443 20.23 -6.49 -15.16
CA LEU A 443 19.83 -7.86 -15.41
C LEU A 443 21.02 -8.82 -15.49
N LYS A 444 22.16 -8.32 -15.97
CA LYS A 444 23.38 -9.14 -16.01
C LYS A 444 23.69 -9.64 -14.60
N TYR A 445 23.58 -8.74 -13.64
CA TYR A 445 23.80 -9.16 -12.23
C TYR A 445 22.75 -10.18 -11.76
N LEU A 446 21.46 -9.86 -11.96
CA LEU A 446 20.36 -10.69 -11.47
C LEU A 446 20.37 -12.10 -12.06
N GLU A 447 20.93 -12.23 -13.27
CA GLU A 447 21.00 -13.51 -13.99
C GLU A 447 22.29 -14.26 -13.73
N SER A 448 23.22 -13.67 -13.00
CA SER A 448 24.60 -14.18 -12.95
C SER A 448 24.70 -15.35 -11.99
N GLY A 449 23.94 -15.43 -11.01
#